data_3DMG
#
_entry.id   3DMG
#
_cell.length_a   50.968
_cell.length_b   87.995
_cell.length_c   94.930
_cell.angle_alpha   90.00
_cell.angle_beta   90.00
_cell.angle_gamma   90.00
#
_symmetry.space_group_name_H-M   'P 21 21 21'
#
loop_
_entity.id
_entity.type
_entity.pdbx_description
1 polymer 'Probable ribosomal RNA small subunit methyltransferase'
2 non-polymer 'SULFATE ION'
3 non-polymer S-ADENOSYL-L-HOMOCYSTEINE
4 water water
#
_entity_poly.entity_id   1
_entity_poly.type   'polypeptide(L)'
_entity_poly.pdbx_seq_one_letter_code
;MSLTREAYHRLTPLPHPGGRLFIKPGARGYRDPVHDLLQKTVEPFGERALDLNPGVGWGSLPLEGRMAVERLETSRAAFR
CLTASGLQARLALPWEAAAGAYDLVVLALPAGRGTAYVQASLVAAARALRMGGRLYLAGDKNKGFERYFKEARALLGYGV
VVRREGPYRVALLEKEKEAPPLPSLWRAFSARILGAEYTFHHLPGVFSAGKVDPASLLLLEALQERLGPEGVRGRQVLDL
GAGYGALTLPLARMGAEVVGVEDDLASVLSLQKGLEANALKAQALHSDVDEALTEEARFDIIVTNPPFHVGGAVILDVAQ
AFVNVAAARLRPGGVFFLVSNPFLKYEPLLEEKFGAFQTLKVAEYKVLFAEKRGRHHHHHH
;
_entity_poly.pdbx_strand_id   A
#
loop_
_chem_comp.id
_chem_comp.type
_chem_comp.name
_chem_comp.formula
SO4 non-polymer 'SULFATE ION' 'O4 S -2'
#
# COMPACT_ATOMS: atom_id res chain seq x y z
N LEU A 3 -11.59 -0.56 -16.61
CA LEU A 3 -10.34 -0.30 -17.39
C LEU A 3 -9.76 -1.58 -17.99
N THR A 4 -9.16 -1.48 -19.16
CA THR A 4 -8.32 -2.55 -19.71
C THR A 4 -7.06 -2.66 -18.84
N ARG A 5 -6.29 -3.72 -19.02
CA ARG A 5 -5.01 -3.81 -18.29
C ARG A 5 -4.07 -2.69 -18.70
N GLU A 6 -3.97 -2.42 -20.01
CA GLU A 6 -3.16 -1.30 -20.51
C GLU A 6 -3.60 0.03 -19.88
N ALA A 7 -4.91 0.25 -19.79
CA ALA A 7 -5.39 1.49 -19.17
C ALA A 7 -5.05 1.56 -17.70
N TYR A 8 -5.17 0.43 -16.98
CA TYR A 8 -4.81 0.42 -15.56
C TYR A 8 -3.33 0.83 -15.35
N HIS A 9 -2.45 0.31 -16.21
CA HIS A 9 -1.02 0.54 -16.11
C HIS A 9 -0.52 1.81 -16.76
N ARG A 10 -1.40 2.49 -17.49
CA ARG A 10 -0.99 3.69 -18.24
C ARG A 10 -0.74 4.87 -17.34
N LEU A 11 0.37 5.58 -17.62
CA LEU A 11 0.70 6.83 -16.94
C LEU A 11 0.25 7.97 -17.82
N THR A 12 -0.55 8.87 -17.27
CA THR A 12 -1.11 9.98 -18.06
C THR A 12 -0.64 11.30 -17.48
N PRO A 13 -0.04 12.18 -18.33
CA PRO A 13 0.39 13.47 -17.85
C PRO A 13 -0.74 14.48 -17.82
N LEU A 14 -0.87 15.16 -16.68
CA LEU A 14 -1.87 16.22 -16.57
C LEU A 14 -1.20 17.58 -16.44
N PRO A 15 -1.82 18.62 -17.02
CA PRO A 15 -1.23 19.96 -16.97
C PRO A 15 -1.38 20.68 -15.62
N HIS A 16 -0.36 21.46 -15.27
CA HIS A 16 -0.46 22.52 -14.26
C HIS A 16 0.40 23.67 -14.77
N PRO A 17 0.20 24.90 -14.24
CA PRO A 17 0.96 26.00 -14.81
C PRO A 17 2.46 25.73 -14.80
N GLY A 18 3.08 25.83 -15.97
CA GLY A 18 4.50 25.65 -16.09
C GLY A 18 5.01 24.24 -16.28
N GLY A 19 4.14 23.23 -16.19
CA GLY A 19 4.61 21.86 -16.33
C GLY A 19 3.49 20.83 -16.45
N ARG A 20 3.85 19.61 -16.07
CA ARG A 20 2.94 18.46 -16.14
C ARG A 20 3.25 17.48 -15.01
N LEU A 21 2.30 16.62 -14.70
CA LEU A 21 2.50 15.64 -13.65
C LEU A 21 1.82 14.35 -14.07
N PHE A 22 2.54 13.23 -13.97
CA PHE A 22 1.93 11.95 -14.36
C PHE A 22 1.12 11.38 -13.23
N ILE A 23 -0.05 10.85 -13.58
CA ILE A 23 -0.86 10.11 -12.63
C ILE A 23 -1.24 8.75 -13.23
N LYS A 24 -1.75 7.86 -12.40
CA LYS A 24 -2.29 6.59 -12.91
C LYS A 24 -3.32 6.05 -11.93
N PRO A 25 -4.18 5.15 -12.42
CA PRO A 25 -5.08 4.46 -11.52
C PRO A 25 -4.30 3.77 -10.41
N GLY A 26 -4.79 3.84 -9.18
CA GLY A 26 -4.11 3.14 -8.08
C GLY A 26 -3.00 3.90 -7.40
N ALA A 27 -2.69 5.12 -7.89
CA ALA A 27 -1.71 5.95 -7.20
C ALA A 27 -2.35 7.05 -6.34
N ARG A 28 -1.88 7.19 -5.09
CA ARG A 28 -2.42 8.17 -4.15
C ARG A 28 -1.99 9.59 -4.53
N GLY A 29 -2.76 10.58 -4.05
CA GLY A 29 -2.29 11.96 -4.12
C GLY A 29 -2.85 12.80 -5.25
N TYR A 30 -3.77 12.22 -6.03
CA TYR A 30 -4.45 12.88 -7.13
C TYR A 30 -5.90 13.19 -6.75
N ARG A 31 -6.29 14.47 -6.89
CA ARG A 31 -7.63 14.95 -6.49
C ARG A 31 -7.93 14.62 -5.01
N ASP A 32 -6.88 14.66 -4.20
CA ASP A 32 -6.98 14.44 -2.78
C ASP A 32 -6.97 15.83 -2.11
N PRO A 33 -8.02 16.18 -1.37
CA PRO A 33 -8.03 17.51 -0.73
C PRO A 33 -6.84 17.80 0.19
N VAL A 34 -6.29 16.78 0.85
CA VAL A 34 -5.12 17.01 1.73
C VAL A 34 -3.91 17.42 0.89
N HIS A 35 -3.58 16.63 -0.12
CA HIS A 35 -2.49 17.00 -1.01
C HIS A 35 -2.74 18.32 -1.77
N ASP A 36 -4.00 18.58 -2.16
CA ASP A 36 -4.34 19.81 -2.88
C ASP A 36 -4.10 21.04 -2.02
N LEU A 37 -4.46 20.94 -0.73
CA LEU A 37 -4.24 22.05 0.20
C LEU A 37 -2.75 22.28 0.42
N LEU A 38 -1.96 21.21 0.54
CA LEU A 38 -0.50 21.35 0.57
C LEU A 38 0.04 22.09 -0.63
N GLN A 39 -0.37 21.68 -1.83
CA GLN A 39 0.17 22.32 -3.05
C GLN A 39 -0.10 23.83 -3.07
N LYS A 40 -1.24 24.24 -2.51
CA LYS A 40 -1.62 25.65 -2.42
C LYS A 40 -0.87 26.41 -1.32
N THR A 41 -0.12 25.69 -0.49
CA THR A 41 0.44 26.25 0.75
C THR A 41 1.96 26.26 0.79
N VAL A 42 2.58 25.15 0.40
CA VAL A 42 4.04 24.97 0.59
C VAL A 42 4.85 26.05 -0.12
N GLU A 43 5.84 26.56 0.59
CA GLU A 43 6.79 27.54 0.05
C GLU A 43 8.20 27.12 0.45
N PRO A 44 9.21 27.44 -0.38
CA PRO A 44 10.58 27.08 -0.04
C PRO A 44 11.06 27.60 1.31
N PHE A 45 11.92 26.82 1.96
CA PHE A 45 12.60 27.22 3.18
C PHE A 45 13.91 26.44 3.21
N GLY A 46 15.03 27.15 3.27
CA GLY A 46 16.32 26.48 3.21
C GLY A 46 16.58 25.90 1.81
N GLU A 47 17.47 24.92 1.74
CA GLU A 47 17.91 24.39 0.45
C GLU A 47 17.50 22.94 0.19
N ARG A 48 17.31 22.16 1.24
CA ARG A 48 17.01 20.72 1.09
C ARG A 48 15.67 20.33 1.71
N ALA A 49 14.80 19.77 0.88
CA ALA A 49 13.47 19.33 1.33
C ALA A 49 13.30 17.82 1.20
N LEU A 50 12.46 17.27 2.07
CA LEU A 50 12.11 15.85 2.03
C LEU A 50 10.59 15.70 2.09
N ASP A 51 10.01 14.98 1.13
CA ASP A 51 8.59 14.66 1.16
C ASP A 51 8.45 13.20 1.60
N LEU A 52 7.83 12.97 2.76
CA LEU A 52 7.72 11.61 3.35
C LEU A 52 6.52 10.77 2.90
N ASN A 53 5.60 11.39 2.14
CA ASN A 53 4.41 10.68 1.68
C ASN A 53 3.91 11.33 0.39
N PRO A 54 4.75 11.28 -0.66
CA PRO A 54 4.45 12.15 -1.80
C PRO A 54 3.28 11.73 -2.68
N GLY A 55 2.98 10.44 -2.77
CA GLY A 55 2.03 9.98 -3.81
C GLY A 55 2.57 10.42 -5.17
N VAL A 56 1.69 10.94 -6.02
CA VAL A 56 2.09 11.41 -7.36
C VAL A 56 2.90 12.72 -7.32
N GLY A 57 3.07 13.30 -6.12
CA GLY A 57 4.00 14.41 -5.96
C GLY A 57 3.42 15.82 -6.10
N TRP A 58 2.08 15.91 -6.12
CA TRP A 58 1.41 17.21 -6.21
C TRP A 58 1.63 18.13 -5.00
N GLY A 59 1.55 17.56 -3.80
CA GLY A 59 1.62 18.36 -2.58
C GLY A 59 2.88 19.18 -2.40
N SER A 60 4.02 18.62 -2.76
CA SER A 60 5.32 19.31 -2.62
C SER A 60 5.85 19.86 -3.93
N LEU A 61 5.07 19.71 -5.01
CA LEU A 61 5.54 20.15 -6.34
C LEU A 61 6.03 21.61 -6.42
N PRO A 62 5.38 22.56 -5.71
CA PRO A 62 5.86 23.95 -5.80
C PRO A 62 7.31 24.13 -5.37
N LEU A 63 7.86 23.19 -4.61
CA LEU A 63 9.27 23.26 -4.17
C LEU A 63 10.26 22.86 -5.27
N GLU A 64 9.78 22.08 -6.25
CA GLU A 64 10.66 21.54 -7.29
C GLU A 64 11.25 22.68 -8.12
N GLY A 65 12.56 22.64 -8.35
CA GLY A 65 13.20 23.71 -9.08
C GLY A 65 13.56 24.96 -8.27
N ARG A 66 13.05 25.04 -7.03
CA ARG A 66 13.45 26.12 -6.12
C ARG A 66 14.34 25.61 -4.99
N MET A 67 14.20 24.32 -4.71
CA MET A 67 14.89 23.61 -3.63
C MET A 67 15.36 22.28 -4.18
N ALA A 68 16.27 21.63 -3.48
CA ALA A 68 16.53 20.21 -3.76
C ALA A 68 15.48 19.40 -3.00
N VAL A 69 14.66 18.67 -3.73
CA VAL A 69 13.59 17.88 -3.09
C VAL A 69 13.83 16.39 -3.25
N GLU A 70 13.90 15.69 -2.13
CA GLU A 70 13.93 14.22 -2.12
C GLU A 70 12.56 13.72 -1.69
N ARG A 71 12.21 12.52 -2.12
CA ARG A 71 10.86 11.97 -1.86
C ARG A 71 11.03 10.51 -1.49
N LEU A 72 10.43 10.12 -0.37
CA LEU A 72 10.49 8.69 0.03
C LEU A 72 9.09 8.13 -0.09
N GLU A 73 8.93 7.06 -0.87
CA GLU A 73 7.60 6.57 -1.16
C GLU A 73 7.57 5.05 -1.11
N THR A 74 6.50 4.53 -0.49
CA THR A 74 6.31 3.09 -0.35
C THR A 74 5.52 2.45 -1.49
N SER A 75 4.69 3.23 -2.20
CA SER A 75 3.85 2.66 -3.23
C SER A 75 4.57 2.56 -4.55
N ARG A 76 4.59 1.36 -5.12
CA ARG A 76 5.19 1.16 -6.44
C ARG A 76 4.49 1.99 -7.53
N ALA A 77 3.15 1.99 -7.50
CA ALA A 77 2.34 2.76 -8.47
C ALA A 77 2.74 4.23 -8.40
N ALA A 78 2.90 4.77 -7.19
CA ALA A 78 3.24 6.19 -7.07
C ALA A 78 4.66 6.46 -7.57
N PHE A 79 5.62 5.59 -7.24
CA PHE A 79 6.98 5.80 -7.72
C PHE A 79 7.04 5.73 -9.28
N ARG A 80 6.24 4.87 -9.92
CA ARG A 80 6.18 4.90 -11.38
C ARG A 80 5.82 6.30 -11.89
N CYS A 81 4.84 6.92 -11.22
CA CYS A 81 4.40 8.25 -11.62
C CYS A 81 5.48 9.29 -11.38
N LEU A 82 6.06 9.31 -10.17
CA LEU A 82 7.08 10.30 -9.84
C LEU A 82 8.26 10.27 -10.83
N THR A 83 8.78 9.08 -11.07
CA THR A 83 9.86 8.85 -12.00
C THR A 83 9.46 9.35 -13.41
N ALA A 84 8.25 9.00 -13.86
CA ALA A 84 7.80 9.49 -15.17
C ALA A 84 7.78 11.01 -15.24
N SER A 85 7.41 11.65 -14.13
CA SER A 85 7.33 13.10 -14.00
C SER A 85 8.72 13.78 -13.88
N GLY A 86 9.78 12.97 -13.84
CA GLY A 86 11.13 13.49 -13.64
C GLY A 86 11.40 13.95 -12.22
N LEU A 87 10.67 13.40 -11.26
CA LEU A 87 10.80 13.83 -9.85
C LEU A 87 11.61 12.80 -9.07
N GLN A 88 12.74 13.24 -8.51
CA GLN A 88 13.59 12.35 -7.72
C GLN A 88 12.73 11.69 -6.64
N ALA A 89 12.86 10.38 -6.51
CA ALA A 89 12.10 9.64 -5.53
C ALA A 89 12.77 8.31 -5.29
N ARG A 90 12.68 7.86 -4.04
CA ARG A 90 13.27 6.59 -3.66
C ARG A 90 12.21 5.66 -3.13
N LEU A 91 12.35 4.38 -3.44
CA LEU A 91 11.53 3.31 -2.84
C LEU A 91 12.02 3.16 -1.40
N ALA A 92 11.25 3.73 -0.48
CA ALA A 92 11.75 3.87 0.90
C ALA A 92 10.64 4.09 1.87
N LEU A 93 10.85 3.59 3.08
CA LEU A 93 9.96 3.82 4.20
C LEU A 93 10.25 5.21 4.77
N PRO A 94 9.23 5.86 5.36
CA PRO A 94 9.49 7.24 5.85
C PRO A 94 10.64 7.28 6.84
N TRP A 95 10.75 6.24 7.67
CA TRP A 95 11.77 6.21 8.72
C TRP A 95 13.16 5.78 8.24
N GLU A 96 13.30 5.62 6.92
CA GLU A 96 14.60 5.43 6.31
C GLU A 96 15.25 6.78 5.96
N ALA A 97 14.57 7.88 6.27
CA ALA A 97 15.11 9.21 6.01
C ALA A 97 16.41 9.46 6.77
N ALA A 98 17.36 10.10 6.08
CA ALA A 98 18.63 10.51 6.66
C ALA A 98 18.41 11.49 7.82
N ALA A 99 19.10 11.29 8.93
CA ALA A 99 18.89 12.14 10.08
C ALA A 99 19.62 13.48 9.95
N GLY A 100 18.90 14.56 10.27
CA GLY A 100 19.47 15.90 10.40
C GLY A 100 19.98 16.53 9.12
N ALA A 101 19.47 16.05 7.99
CA ALA A 101 19.99 16.39 6.68
C ALA A 101 19.11 17.34 5.88
N TYR A 102 17.96 17.75 6.45
CA TYR A 102 16.97 18.54 5.70
C TYR A 102 16.53 19.81 6.39
N ASP A 103 16.22 20.83 5.59
CA ASP A 103 15.75 22.11 6.12
C ASP A 103 14.22 22.14 6.20
N LEU A 104 13.59 21.34 5.35
CA LEU A 104 12.15 21.33 5.23
C LEU A 104 11.65 19.93 4.99
N VAL A 105 10.61 19.52 5.71
CA VAL A 105 9.93 18.26 5.42
C VAL A 105 8.46 18.53 5.11
N VAL A 106 7.92 17.76 4.17
CA VAL A 106 6.50 17.83 3.83
C VAL A 106 5.85 16.49 4.16
N LEU A 107 4.79 16.51 4.94
CA LEU A 107 4.10 15.26 5.30
C LEU A 107 2.59 15.41 5.25
N ALA A 108 1.98 14.91 4.17
CA ALA A 108 0.55 14.63 4.16
C ALA A 108 0.35 13.44 5.10
N LEU A 109 -0.43 13.63 6.15
CA LEU A 109 -0.59 12.58 7.16
C LEU A 109 -1.15 11.28 6.55
N PRO A 110 -0.40 10.17 6.69
CA PRO A 110 -0.88 8.88 6.15
C PRO A 110 -1.90 8.24 7.09
N ALA A 111 -3.02 8.95 7.36
CA ALA A 111 -3.98 8.53 8.38
C ALA A 111 -4.62 7.17 8.08
N GLY A 112 -4.76 6.86 6.80
CA GLY A 112 -5.38 5.60 6.39
C GLY A 112 -4.59 4.37 6.79
N ARG A 113 -3.29 4.56 7.03
CA ARG A 113 -2.41 3.48 7.48
C ARG A 113 -2.33 3.34 8.99
N GLY A 114 -3.04 4.19 9.73
CA GLY A 114 -3.17 4.01 11.17
C GLY A 114 -2.15 4.72 12.03
N THR A 115 -2.45 4.75 13.32
CA THR A 115 -1.71 5.51 14.33
C THR A 115 -0.20 5.20 14.36
N ALA A 116 0.16 3.91 14.36
CA ALA A 116 1.56 3.53 14.45
C ALA A 116 2.36 4.00 13.23
N TYR A 117 1.77 3.86 12.04
CA TYR A 117 2.42 4.32 10.82
C TYR A 117 2.60 5.84 10.83
N VAL A 118 1.55 6.55 11.25
CA VAL A 118 1.62 8.00 11.34
C VAL A 118 2.68 8.42 12.36
N GLN A 119 2.70 7.78 13.53
CA GLN A 119 3.69 8.13 14.56
C GLN A 119 5.12 7.94 14.06
N ALA A 120 5.35 6.83 13.35
CA ALA A 120 6.67 6.55 12.82
C ALA A 120 7.06 7.62 11.80
N SER A 121 6.09 8.05 11.00
CA SER A 121 6.30 9.11 10.01
C SER A 121 6.60 10.45 10.67
N LEU A 122 5.89 10.74 11.76
CA LEU A 122 6.14 11.98 12.51
C LEU A 122 7.55 12.02 13.12
N VAL A 123 7.97 10.91 13.72
CA VAL A 123 9.32 10.87 14.30
C VAL A 123 10.39 10.91 13.20
N ALA A 124 10.12 10.22 12.08
CA ALA A 124 11.04 10.30 10.96
C ALA A 124 11.20 11.75 10.51
N ALA A 125 10.09 12.50 10.47
CA ALA A 125 10.14 13.91 10.07
C ALA A 125 11.03 14.72 11.00
N ALA A 126 10.81 14.50 12.30
CA ALA A 126 11.55 15.22 13.33
C ALA A 126 13.05 14.87 13.28
N ARG A 127 13.35 13.59 13.04
CA ARG A 127 14.75 13.16 12.91
C ARG A 127 15.42 13.69 11.64
N ALA A 128 14.66 13.77 10.54
CA ALA A 128 15.23 14.20 9.26
C ALA A 128 15.66 15.66 9.26
N LEU A 129 14.94 16.47 10.02
CA LEU A 129 15.21 17.90 10.08
C LEU A 129 16.46 18.24 10.87
N ARG A 130 17.19 19.24 10.38
CA ARG A 130 18.22 19.90 11.18
C ARG A 130 17.52 20.73 12.24
N MET A 131 18.23 21.08 13.30
CA MET A 131 17.65 21.99 14.27
C MET A 131 17.31 23.29 13.55
N GLY A 132 16.13 23.82 13.83
CA GLY A 132 15.66 25.03 13.15
C GLY A 132 14.96 24.77 11.82
N GLY A 133 14.97 23.51 11.37
CA GLY A 133 14.26 23.13 10.14
C GLY A 133 12.76 23.19 10.36
N ARG A 134 11.98 23.06 9.29
CA ARG A 134 10.54 23.21 9.40
C ARG A 134 9.77 22.04 8.76
N LEU A 135 8.56 21.80 9.26
CA LEU A 135 7.68 20.71 8.79
C LEU A 135 6.34 21.25 8.35
N TYR A 136 5.95 20.95 7.10
CA TYR A 136 4.58 21.18 6.67
C TYR A 136 3.81 19.90 6.93
N LEU A 137 2.74 19.99 7.72
CA LEU A 137 1.95 18.83 8.12
C LEU A 137 0.53 19.04 7.66
N ALA A 138 0.02 18.13 6.83
CA ALA A 138 -1.32 18.32 6.27
C ALA A 138 -2.22 17.14 6.63
N GLY A 139 -3.50 17.41 6.87
CA GLY A 139 -4.39 16.31 7.19
C GLY A 139 -5.85 16.72 7.18
N ASP A 140 -6.65 15.89 7.84
CA ASP A 140 -8.10 15.96 7.79
C ASP A 140 -8.60 15.85 9.24
N LYS A 141 -9.33 16.86 9.70
CA LYS A 141 -9.86 16.83 11.07
C LYS A 141 -10.71 15.59 11.37
N ASN A 142 -11.31 15.03 10.32
CA ASN A 142 -12.10 13.80 10.44
C ASN A 142 -11.22 12.55 10.51
N LYS A 143 -9.93 12.71 10.22
CA LYS A 143 -8.98 11.61 10.24
C LYS A 143 -7.74 11.95 11.09
N GLY A 144 -8.01 12.41 12.30
CA GLY A 144 -6.97 12.58 13.31
C GLY A 144 -6.07 13.80 13.26
N PHE A 145 -6.36 14.77 12.40
CA PHE A 145 -5.45 15.92 12.25
C PHE A 145 -5.08 16.58 13.58
N GLU A 146 -6.07 16.88 14.41
CA GLU A 146 -5.78 17.60 15.64
C GLU A 146 -4.88 16.80 16.57
N ARG A 147 -5.17 15.50 16.70
CA ARG A 147 -4.36 14.59 17.50
C ARG A 147 -2.92 14.50 16.99
N TYR A 148 -2.76 14.35 15.67
CA TYR A 148 -1.43 14.22 15.12
C TYR A 148 -0.66 15.53 15.13
N PHE A 149 -1.38 16.64 14.94
CA PHE A 149 -0.78 17.98 15.01
C PHE A 149 -0.29 18.27 16.44
N LYS A 150 -1.05 17.83 17.43
CA LYS A 150 -0.62 17.98 18.82
C LYS A 150 0.66 17.18 19.10
N GLU A 151 0.73 15.96 18.55
CA GLU A 151 1.95 15.16 18.69
C GLU A 151 3.15 15.79 17.98
N ALA A 152 2.92 16.33 16.78
CA ALA A 152 3.98 17.02 16.03
C ALA A 152 4.51 18.21 16.82
N ARG A 153 3.61 18.95 17.45
CA ARG A 153 4.02 20.11 18.26
C ARG A 153 4.87 19.65 19.44
N ALA A 154 4.50 18.52 20.05
CA ALA A 154 5.22 17.96 21.17
C ALA A 154 6.61 17.47 20.77
N LEU A 155 6.70 16.89 19.57
CA LEU A 155 7.97 16.40 19.05
C LEU A 155 8.91 17.53 18.64
N LEU A 156 8.34 18.63 18.14
CA LEU A 156 9.14 19.66 17.46
C LEU A 156 9.27 20.99 18.20
N GLY A 157 8.13 21.60 18.53
CA GLY A 157 8.09 22.98 19.05
C GLY A 157 6.91 23.75 18.47
N TYR A 158 7.11 25.04 18.21
CA TYR A 158 6.03 25.91 17.73
C TYR A 158 5.42 25.39 16.44
N GLY A 159 4.09 25.33 16.45
CA GLY A 159 3.34 24.94 15.26
C GLY A 159 2.09 25.77 15.13
N VAL A 160 1.72 26.07 13.90
CA VAL A 160 0.54 26.88 13.61
C VAL A 160 -0.09 26.41 12.30
N VAL A 161 -1.41 26.41 12.26
CA VAL A 161 -2.16 26.19 11.02
C VAL A 161 -1.92 27.38 10.08
N VAL A 162 -1.52 27.06 8.86
CA VAL A 162 -1.24 28.07 7.85
C VAL A 162 -2.22 28.02 6.67
N ARG A 163 -3.10 27.01 6.67
CA ARG A 163 -4.16 26.94 5.66
C ARG A 163 -5.27 26.00 6.09
N ARG A 164 -6.50 26.37 5.73
CA ARG A 164 -7.67 25.57 6.09
C ARG A 164 -8.73 25.66 4.99
N GLU A 165 -9.41 24.54 4.76
CA GLU A 165 -10.47 24.46 3.76
C GLU A 165 -11.35 23.30 4.21
N GLY A 166 -12.59 23.59 4.58
CA GLY A 166 -13.44 22.53 5.13
C GLY A 166 -12.78 21.90 6.34
N PRO A 167 -12.75 20.55 6.40
CA PRO A 167 -12.05 19.86 7.50
C PRO A 167 -10.55 19.73 7.28
N TYR A 168 -10.06 20.24 6.15
CA TYR A 168 -8.66 19.97 5.77
C TYR A 168 -7.77 21.06 6.33
N ARG A 169 -6.57 20.68 6.74
CA ARG A 169 -5.63 21.62 7.37
C ARG A 169 -4.22 21.42 6.87
N VAL A 170 -3.46 22.51 6.79
CA VAL A 170 -2.00 22.44 6.68
C VAL A 170 -1.44 23.24 7.84
N ALA A 171 -0.49 22.66 8.57
CA ALA A 171 0.23 23.39 9.59
C ALA A 171 1.71 23.48 9.24
N LEU A 172 2.37 24.49 9.81
CA LEU A 172 3.81 24.65 9.72
C LEU A 172 4.40 24.61 11.15
N LEU A 173 5.45 23.80 11.33
CA LEU A 173 6.13 23.64 12.64
C LEU A 173 7.64 23.81 12.52
N GLU A 174 8.27 24.21 13.63
CA GLU A 174 9.73 24.39 13.67
C GLU A 174 10.35 23.38 14.63
N LYS A 175 11.45 22.77 14.22
CA LYS A 175 12.22 21.91 15.12
C LYS A 175 13.02 22.78 16.10
N GLU A 176 12.67 22.68 17.38
CA GLU A 176 13.30 23.50 18.45
C GLU A 176 13.97 22.64 19.52
N LYS A 177 13.83 21.33 19.37
CA LYS A 177 14.35 20.37 20.34
C LYS A 177 14.80 19.12 19.60
N GLU A 178 15.64 18.33 20.26
CA GLU A 178 16.16 17.10 19.68
C GLU A 178 15.04 16.08 19.51
N ALA A 179 15.11 15.36 18.39
CA ALA A 179 14.13 14.36 18.07
C ALA A 179 14.43 13.08 18.88
N PRO A 180 13.37 12.34 19.25
CA PRO A 180 13.56 11.08 19.99
C PRO A 180 14.01 9.95 19.07
N PRO A 181 14.32 8.77 19.66
CA PRO A 181 14.60 7.61 18.81
C PRO A 181 13.34 7.17 18.07
N LEU A 182 13.52 6.46 16.95
CA LEU A 182 12.38 5.82 16.30
C LEU A 182 11.69 4.89 17.29
N PRO A 183 10.36 4.81 17.22
CA PRO A 183 9.65 3.81 18.01
C PRO A 183 9.99 2.41 17.50
N SER A 184 9.71 1.39 18.32
CA SER A 184 9.81 0.01 17.88
C SER A 184 8.81 -0.17 16.75
N LEU A 185 9.25 -0.78 15.64
CA LEU A 185 8.41 -0.86 14.44
C LEU A 185 7.87 -2.25 14.11
N TRP A 186 8.63 -3.27 14.42
CA TRP A 186 8.23 -4.63 14.06
C TRP A 186 7.35 -5.26 15.09
N ARG A 187 6.30 -5.93 14.61
N ARG A 187 6.29 -5.92 14.61
CA ARG A 187 5.42 -6.74 15.45
CA ARG A 187 5.41 -6.74 15.44
C ARG A 187 5.33 -8.15 14.88
C ARG A 187 5.42 -8.17 14.90
N ALA A 188 5.01 -9.11 15.75
CA ALA A 188 4.83 -10.50 15.32
C ALA A 188 3.64 -11.07 16.08
N PHE A 189 2.97 -12.02 15.45
CA PHE A 189 1.90 -12.79 16.11
C PHE A 189 1.87 -14.19 15.51
N SER A 190 1.39 -15.15 16.30
N SER A 190 1.35 -15.14 16.29
CA SER A 190 1.24 -16.51 15.80
CA SER A 190 1.23 -16.53 15.84
C SER A 190 -0.21 -16.82 15.43
C SER A 190 -0.21 -16.91 15.52
N ALA A 191 -0.38 -17.77 14.51
CA ALA A 191 -1.68 -18.24 14.10
C ALA A 191 -1.60 -19.69 13.65
N ARG A 192 -2.64 -20.45 13.91
CA ARG A 192 -2.74 -21.81 13.39
C ARG A 192 -3.70 -21.77 12.20
N ILE A 193 -3.19 -22.13 11.03
CA ILE A 193 -3.99 -22.16 9.83
C ILE A 193 -3.94 -23.54 9.19
N LEU A 194 -5.12 -24.12 8.99
CA LEU A 194 -5.26 -25.44 8.38
C LEU A 194 -4.28 -26.44 8.99
N GLY A 195 -4.23 -26.46 10.33
CA GLY A 195 -3.48 -27.48 11.07
C GLY A 195 -1.98 -27.23 11.21
N ALA A 196 -1.52 -26.05 10.76
CA ALA A 196 -0.11 -25.70 10.78
C ALA A 196 0.12 -24.36 11.48
N GLU A 197 1.27 -24.25 12.15
CA GLU A 197 1.63 -23.06 12.92
C GLU A 197 2.45 -22.08 12.11
N TYR A 198 2.06 -20.81 12.17
CA TYR A 198 2.78 -19.73 11.48
C TYR A 198 3.03 -18.58 12.44
N THR A 199 4.18 -17.94 12.31
CA THR A 199 4.43 -16.67 13.00
C THR A 199 4.61 -15.57 11.96
N PHE A 200 3.65 -14.67 11.91
CA PHE A 200 3.69 -13.57 10.95
C PHE A 200 4.45 -12.41 11.53
N HIS A 201 5.11 -11.67 10.65
CA HIS A 201 5.89 -10.51 11.06
C HIS A 201 5.51 -9.34 10.17
N HIS A 202 5.37 -8.17 10.79
CA HIS A 202 4.98 -7.00 9.98
C HIS A 202 5.38 -5.66 10.59
N LEU A 203 5.57 -4.71 9.69
CA LEU A 203 5.79 -3.31 10.02
C LEU A 203 4.44 -2.60 10.15
N PRO A 204 4.45 -1.33 10.60
CA PRO A 204 3.16 -0.64 10.77
C PRO A 204 2.46 -0.38 9.44
N GLY A 205 1.14 -0.29 9.49
CA GLY A 205 0.37 0.16 8.32
C GLY A 205 -0.19 -0.93 7.43
N VAL A 206 0.25 -2.16 7.66
CA VAL A 206 -0.17 -3.29 6.82
C VAL A 206 -1.65 -3.59 7.00
N PHE A 207 -2.23 -4.28 6.02
CA PHE A 207 -3.58 -4.78 6.18
C PHE A 207 -3.60 -5.83 7.28
N SER A 208 -4.61 -5.73 8.15
CA SER A 208 -4.87 -6.74 9.20
C SER A 208 -3.67 -7.01 10.10
N ALA A 209 -3.09 -5.94 10.64
CA ALA A 209 -2.04 -6.06 11.64
C ALA A 209 -2.54 -6.88 12.83
N GLY A 210 -1.68 -7.76 13.33
CA GLY A 210 -1.92 -8.42 14.61
C GLY A 210 -2.76 -9.69 14.61
N LYS A 211 -3.40 -10.00 13.50
CA LYS A 211 -4.22 -11.21 13.37
C LYS A 211 -4.46 -11.53 11.90
N VAL A 212 -4.74 -12.79 11.60
CA VAL A 212 -5.12 -13.16 10.24
C VAL A 212 -6.55 -12.71 9.98
N ASP A 213 -6.75 -11.97 8.89
CA ASP A 213 -8.08 -11.54 8.53
C ASP A 213 -9.03 -12.72 8.30
N PRO A 214 -10.24 -12.67 8.87
CA PRO A 214 -11.19 -13.75 8.62
C PRO A 214 -11.53 -14.03 7.15
N ALA A 215 -11.54 -13.01 6.30
CA ALA A 215 -11.75 -13.26 4.87
C ALA A 215 -10.63 -14.11 4.28
N SER A 216 -9.38 -13.79 4.64
CA SER A 216 -8.24 -14.55 4.16
C SER A 216 -8.30 -16.01 4.61
N LEU A 217 -8.63 -16.22 5.89
CA LEU A 217 -8.82 -17.59 6.41
C LEU A 217 -9.88 -18.35 5.61
N LEU A 218 -10.99 -17.66 5.31
CA LEU A 218 -12.11 -18.27 4.57
C LEU A 218 -11.70 -18.72 3.17
N LEU A 219 -10.90 -17.88 2.49
CA LEU A 219 -10.40 -18.22 1.16
C LEU A 219 -9.58 -19.50 1.22
N LEU A 220 -8.70 -19.57 2.22
CA LEU A 220 -7.81 -20.73 2.38
C LEU A 220 -8.60 -22.00 2.66
N GLU A 221 -9.60 -21.88 3.52
CA GLU A 221 -10.49 -23.01 3.81
C GLU A 221 -11.24 -23.46 2.55
N ALA A 222 -11.78 -22.52 1.78
CA ALA A 222 -12.47 -22.85 0.53
C ALA A 222 -11.51 -23.53 -0.45
N LEU A 223 -10.28 -23.01 -0.51
CA LEU A 223 -9.27 -23.53 -1.43
C LEU A 223 -8.86 -24.96 -1.08
N GLN A 224 -8.57 -25.21 0.20
CA GLN A 224 -8.17 -26.56 0.60
C GLN A 224 -9.32 -27.56 0.45
N GLU A 225 -10.55 -27.12 0.72
CA GLU A 225 -11.73 -27.98 0.51
C GLU A 225 -11.91 -28.35 -0.97
N ARG A 226 -11.71 -27.38 -1.85
CA ARG A 226 -11.87 -27.57 -3.29
C ARG A 226 -10.75 -28.43 -3.89
N LEU A 227 -9.51 -28.10 -3.55
CA LEU A 227 -8.34 -28.70 -4.21
C LEU A 227 -7.70 -29.86 -3.44
N GLY A 228 -7.98 -29.96 -2.15
CA GLY A 228 -7.35 -30.98 -1.29
C GLY A 228 -6.06 -30.45 -0.69
N PRO A 229 -5.57 -31.09 0.39
CA PRO A 229 -4.32 -30.65 1.02
C PRO A 229 -3.09 -30.75 0.10
N GLU A 230 -3.12 -31.67 -0.85
CA GLU A 230 -2.06 -31.84 -1.83
C GLU A 230 -2.31 -31.09 -3.16
N GLY A 231 -3.44 -30.38 -3.25
CA GLY A 231 -3.90 -29.78 -4.51
C GLY A 231 -3.12 -28.58 -4.99
N VAL A 232 -2.17 -28.15 -4.16
CA VAL A 232 -1.39 -26.97 -4.41
C VAL A 232 0.10 -27.29 -4.64
N ARG A 233 0.52 -28.50 -4.27
CA ARG A 233 1.93 -28.88 -4.39
C ARG A 233 2.45 -28.86 -5.82
N GLY A 234 3.60 -28.20 -5.99
CA GLY A 234 4.24 -28.07 -7.29
C GLY A 234 3.55 -27.13 -8.26
N ARG A 235 2.48 -26.48 -7.81
CA ARG A 235 1.72 -25.58 -8.66
C ARG A 235 2.24 -24.14 -8.56
N GLN A 236 2.18 -23.42 -9.67
CA GLN A 236 2.59 -22.02 -9.68
C GLN A 236 1.42 -21.15 -9.26
N VAL A 237 1.63 -20.39 -8.19
CA VAL A 237 0.57 -19.57 -7.60
C VAL A 237 0.96 -18.12 -7.63
N LEU A 238 0.02 -17.26 -8.02
CA LEU A 238 0.15 -15.81 -7.87
C LEU A 238 -0.80 -15.31 -6.79
N ASP A 239 -0.26 -14.55 -5.83
CA ASP A 239 -1.05 -13.99 -4.73
C ASP A 239 -1.11 -12.50 -5.02
N LEU A 240 -2.27 -12.03 -5.47
CA LEU A 240 -2.41 -10.61 -5.83
C LEU A 240 -2.72 -9.77 -4.57
N GLY A 241 -1.77 -8.90 -4.21
CA GLY A 241 -1.92 -8.09 -3.01
C GLY A 241 -1.54 -8.92 -1.79
N ALA A 242 -0.30 -9.38 -1.76
CA ALA A 242 0.11 -10.44 -0.82
C ALA A 242 0.17 -9.98 0.64
N GLY A 243 0.28 -8.67 0.89
CA GLY A 243 0.39 -8.21 2.27
C GLY A 243 1.56 -8.86 2.99
N TYR A 244 1.41 -9.07 4.30
CA TYR A 244 2.49 -9.75 5.07
C TYR A 244 2.49 -11.27 4.88
N GLY A 245 1.57 -11.77 4.05
CA GLY A 245 1.60 -13.19 3.64
C GLY A 245 0.58 -14.15 4.24
N ALA A 246 -0.59 -13.64 4.64
CA ALA A 246 -1.62 -14.54 5.22
C ALA A 246 -1.99 -15.65 4.24
N LEU A 247 -2.02 -15.37 2.95
CA LEU A 247 -2.27 -16.44 1.95
C LEU A 247 -0.95 -17.05 1.48
N THR A 248 0.08 -16.21 1.35
CA THR A 248 1.36 -16.60 0.76
C THR A 248 2.08 -17.69 1.55
N LEU A 249 2.18 -17.50 2.86
CA LEU A 249 2.91 -18.45 3.69
C LEU A 249 2.26 -19.84 3.71
N PRO A 250 0.95 -19.94 4.04
CA PRO A 250 0.33 -21.30 4.00
C PRO A 250 0.44 -21.97 2.63
N LEU A 251 0.22 -21.21 1.54
CA LEU A 251 0.34 -21.84 0.21
C LEU A 251 1.75 -22.34 -0.10
N ALA A 252 2.77 -21.60 0.38
CA ALA A 252 4.16 -22.01 0.26
C ALA A 252 4.40 -23.27 1.08
N ARG A 253 3.84 -23.30 2.29
CA ARG A 253 3.93 -24.48 3.16
C ARG A 253 3.33 -25.73 2.52
N MET A 254 2.22 -25.55 1.79
CA MET A 254 1.51 -26.62 1.10
C MET A 254 2.24 -27.08 -0.17
N GLY A 255 3.37 -26.43 -0.49
CA GLY A 255 4.24 -26.88 -1.57
C GLY A 255 4.07 -26.16 -2.89
N ALA A 256 3.32 -25.04 -2.88
CA ALA A 256 3.16 -24.23 -4.09
C ALA A 256 4.42 -23.42 -4.34
N GLU A 257 4.69 -23.13 -5.61
CA GLU A 257 5.71 -22.17 -5.99
C GLU A 257 4.99 -20.82 -6.10
N VAL A 258 5.14 -19.99 -5.07
CA VAL A 258 4.29 -18.80 -4.93
C VAL A 258 5.05 -17.53 -5.28
N VAL A 259 4.37 -16.67 -6.04
CA VAL A 259 4.82 -15.31 -6.29
C VAL A 259 3.80 -14.39 -5.66
N GLY A 260 4.24 -13.53 -4.74
CA GLY A 260 3.38 -12.51 -4.16
C GLY A 260 3.69 -11.20 -4.84
N VAL A 261 2.66 -10.46 -5.24
CA VAL A 261 2.85 -9.09 -5.72
C VAL A 261 2.14 -8.15 -4.76
N GLU A 262 2.81 -7.07 -4.41
CA GLU A 262 2.34 -6.13 -3.40
C GLU A 262 2.86 -4.72 -3.67
N ASP A 263 1.97 -3.74 -3.71
CA ASP A 263 2.34 -2.38 -4.06
C ASP A 263 3.03 -1.64 -2.92
N ASP A 264 2.79 -2.06 -1.68
CA ASP A 264 3.30 -1.33 -0.51
C ASP A 264 4.61 -1.92 -0.01
N LEU A 265 5.68 -1.12 -0.05
CA LEU A 265 6.99 -1.56 0.41
C LEU A 265 6.96 -2.14 1.83
N ALA A 266 6.25 -1.49 2.74
CA ALA A 266 6.25 -1.97 4.14
C ALA A 266 5.69 -3.39 4.19
N SER A 267 4.67 -3.65 3.38
CA SER A 267 4.08 -4.99 3.28
C SER A 267 5.01 -6.01 2.62
N VAL A 268 5.74 -5.60 1.58
CA VAL A 268 6.72 -6.49 0.95
C VAL A 268 7.78 -6.90 1.98
N LEU A 269 8.31 -5.94 2.74
CA LEU A 269 9.34 -6.26 3.73
C LEU A 269 8.81 -7.18 4.81
N SER A 270 7.55 -6.95 5.18
CA SER A 270 6.86 -7.80 6.16
C SER A 270 6.75 -9.26 5.67
N LEU A 271 6.29 -9.42 4.44
CA LEU A 271 6.25 -10.76 3.82
C LEU A 271 7.63 -11.41 3.80
N GLN A 272 8.67 -10.65 3.44
CA GLN A 272 10.02 -11.22 3.37
C GLN A 272 10.47 -11.71 4.73
N LYS A 273 10.22 -10.92 5.78
CA LYS A 273 10.61 -11.36 7.14
C LYS A 273 9.84 -12.60 7.58
N GLY A 274 8.55 -12.64 7.24
CA GLY A 274 7.71 -13.82 7.59
C GLY A 274 8.18 -15.07 6.89
N LEU A 275 8.52 -14.96 5.61
CA LEU A 275 9.01 -16.14 4.89
C LEU A 275 10.26 -16.68 5.55
N GLU A 276 11.20 -15.78 5.85
CA GLU A 276 12.47 -16.17 6.51
C GLU A 276 12.24 -16.82 7.85
N ALA A 277 11.36 -16.20 8.66
CA ALA A 277 11.14 -16.67 10.02
C ALA A 277 10.47 -18.06 10.05
N ASN A 278 9.75 -18.40 8.99
CA ASN A 278 9.00 -19.66 8.92
C ASN A 278 9.68 -20.70 8.03
N ALA A 279 10.91 -20.38 7.60
CA ALA A 279 11.70 -21.23 6.71
C ALA A 279 10.95 -21.62 5.44
N LEU A 280 10.31 -20.62 4.84
CA LEU A 280 9.54 -20.82 3.62
C LEU A 280 10.14 -19.97 2.51
N LYS A 281 10.04 -20.45 1.26
CA LYS A 281 10.56 -19.71 0.11
C LYS A 281 9.41 -19.30 -0.79
N ALA A 282 9.41 -18.03 -1.18
CA ALA A 282 8.47 -17.49 -2.16
C ALA A 282 9.06 -16.22 -2.69
N GLN A 283 8.59 -15.77 -3.85
CA GLN A 283 9.03 -14.50 -4.39
C GLN A 283 8.11 -13.42 -3.87
N ALA A 284 8.68 -12.43 -3.19
CA ALA A 284 7.93 -11.35 -2.57
C ALA A 284 8.24 -10.08 -3.36
N LEU A 285 7.40 -9.81 -4.34
CA LEU A 285 7.69 -8.73 -5.29
C LEU A 285 6.97 -7.44 -4.93
N HIS A 286 7.73 -6.35 -5.01
CA HIS A 286 7.18 -5.01 -4.87
C HIS A 286 6.72 -4.60 -6.25
N SER A 287 5.40 -4.54 -6.42
CA SER A 287 4.82 -4.49 -7.75
C SER A 287 3.46 -3.83 -7.73
N ASP A 288 3.19 -3.01 -8.74
CA ASP A 288 1.84 -2.48 -8.95
C ASP A 288 1.08 -3.52 -9.76
N VAL A 289 0.21 -4.25 -9.07
CA VAL A 289 -0.44 -5.44 -9.66
C VAL A 289 0.65 -6.34 -10.28
N ASP A 290 0.55 -6.66 -11.58
CA ASP A 290 1.52 -7.54 -12.22
C ASP A 290 2.67 -6.83 -12.93
N GLU A 291 2.88 -5.56 -12.59
CA GLU A 291 3.91 -4.75 -13.25
C GLU A 291 5.30 -5.39 -13.21
N ALA A 292 5.61 -6.07 -12.11
CA ALA A 292 6.95 -6.65 -11.92
C ALA A 292 7.14 -7.96 -12.66
N LEU A 293 6.06 -8.57 -13.15
CA LEU A 293 6.17 -9.86 -13.83
C LEU A 293 6.63 -9.69 -15.26
N THR A 294 7.29 -10.71 -15.81
CA THR A 294 7.55 -10.74 -17.24
C THR A 294 6.21 -10.76 -17.99
N GLU A 295 6.24 -10.33 -19.24
CA GLU A 295 5.04 -10.37 -20.09
C GLU A 295 4.46 -11.78 -20.14
N GLU A 296 5.33 -12.78 -20.19
CA GLU A 296 4.95 -14.17 -20.47
C GLU A 296 4.49 -15.02 -19.27
N ALA A 297 4.72 -14.53 -18.05
CA ALA A 297 4.46 -15.32 -16.84
C ALA A 297 2.99 -15.74 -16.74
N ARG A 298 2.77 -17.03 -16.52
CA ARG A 298 1.42 -17.58 -16.29
C ARG A 298 1.41 -18.47 -15.06
N PHE A 299 0.22 -18.76 -14.56
CA PHE A 299 0.07 -19.44 -13.28
C PHE A 299 -1.01 -20.51 -13.33
N ASP A 300 -0.91 -21.48 -12.42
CA ASP A 300 -1.92 -22.55 -12.28
C ASP A 300 -3.06 -22.12 -11.37
N ILE A 301 -2.73 -21.33 -10.36
CA ILE A 301 -3.69 -20.89 -9.36
C ILE A 301 -3.40 -19.44 -9.05
N ILE A 302 -4.45 -18.62 -9.00
CA ILE A 302 -4.29 -17.23 -8.57
C ILE A 302 -5.26 -17.00 -7.42
N VAL A 303 -4.74 -16.41 -6.33
CA VAL A 303 -5.57 -16.11 -5.15
C VAL A 303 -5.52 -14.64 -4.83
N THR A 304 -6.61 -14.13 -4.27
CA THR A 304 -6.60 -12.73 -3.84
C THR A 304 -7.68 -12.39 -2.81
N ASN A 305 -7.27 -11.61 -1.83
CA ASN A 305 -8.19 -10.86 -0.96
C ASN A 305 -7.97 -9.39 -1.36
N PRO A 306 -8.73 -8.89 -2.36
CA PRO A 306 -8.39 -7.56 -2.90
C PRO A 306 -8.64 -6.42 -1.93
N PRO A 307 -7.99 -5.28 -2.15
CA PRO A 307 -8.27 -4.12 -1.32
C PRO A 307 -9.73 -3.68 -1.46
N PHE A 308 -10.25 -3.03 -0.43
CA PHE A 308 -11.58 -2.43 -0.52
C PHE A 308 -11.59 -1.11 0.21
N HIS A 309 -12.50 -0.23 -0.20
CA HIS A 309 -12.68 1.08 0.43
C HIS A 309 -13.60 0.90 1.61
N VAL A 310 -13.09 1.31 2.78
CA VAL A 310 -13.85 1.18 4.03
C VAL A 310 -15.19 1.92 3.90
N GLY A 311 -16.28 1.17 4.05
CA GLY A 311 -17.63 1.72 3.92
C GLY A 311 -18.12 1.98 2.50
N GLY A 312 -17.25 1.75 1.51
CA GLY A 312 -17.58 2.04 0.12
C GLY A 312 -18.41 0.95 -0.53
N ALA A 313 -19.21 1.33 -1.52
CA ALA A 313 -20.07 0.36 -2.20
C ALA A 313 -19.53 -0.06 -3.56
N VAL A 314 -18.39 0.52 -3.94
CA VAL A 314 -17.87 0.39 -5.29
C VAL A 314 -16.51 -0.32 -5.21
N ILE A 315 -16.29 -1.25 -6.13
CA ILE A 315 -15.01 -1.96 -6.26
C ILE A 315 -13.93 -0.99 -6.77
N LEU A 316 -12.79 -0.99 -6.07
CA LEU A 316 -11.67 -0.12 -6.40
C LEU A 316 -11.08 -0.46 -7.76
N ASP A 317 -10.55 0.54 -8.47
CA ASP A 317 -9.84 0.30 -9.71
C ASP A 317 -8.78 -0.81 -9.57
N VAL A 318 -8.01 -0.81 -8.48
CA VAL A 318 -6.98 -1.83 -8.29
C VAL A 318 -7.59 -3.21 -8.22
N ALA A 319 -8.70 -3.33 -7.48
CA ALA A 319 -9.36 -4.61 -7.31
C ALA A 319 -9.96 -5.12 -8.62
N GLN A 320 -10.52 -4.21 -9.43
CA GLN A 320 -10.99 -4.57 -10.76
C GLN A 320 -9.82 -5.06 -11.60
N ALA A 321 -8.69 -4.37 -11.51
CA ALA A 321 -7.50 -4.80 -12.25
C ALA A 321 -7.01 -6.19 -11.80
N PHE A 322 -7.14 -6.50 -10.51
CA PHE A 322 -6.74 -7.82 -10.01
C PHE A 322 -7.51 -8.91 -10.78
N VAL A 323 -8.83 -8.71 -10.95
CA VAL A 323 -9.65 -9.69 -11.66
C VAL A 323 -9.22 -9.81 -13.12
N ASN A 324 -9.02 -8.67 -13.78
N ASN A 324 -9.02 -8.68 -13.78
CA ASN A 324 -8.60 -8.63 -15.19
CA ASN A 324 -8.60 -8.69 -15.19
C ASN A 324 -7.25 -9.32 -15.38
C ASN A 324 -7.25 -9.37 -15.36
N VAL A 325 -6.31 -9.02 -14.50
CA VAL A 325 -4.99 -9.61 -14.53
C VAL A 325 -5.03 -11.11 -14.23
N ALA A 326 -5.86 -11.51 -13.26
CA ALA A 326 -6.04 -12.93 -12.97
C ALA A 326 -6.45 -13.73 -14.21
N ALA A 327 -7.47 -13.24 -14.91
CA ALA A 327 -7.94 -13.93 -16.12
C ALA A 327 -6.84 -14.03 -17.16
N ALA A 328 -6.05 -12.97 -17.30
CA ALA A 328 -5.00 -12.92 -18.30
C ALA A 328 -3.78 -13.77 -17.96
N ARG A 329 -3.54 -14.01 -16.67
CA ARG A 329 -2.32 -14.64 -16.18
C ARG A 329 -2.48 -16.14 -15.92
N LEU A 330 -3.71 -16.64 -15.95
CA LEU A 330 -3.97 -18.07 -15.79
C LEU A 330 -3.78 -18.86 -17.07
N ARG A 331 -3.09 -20.00 -16.94
CA ARG A 331 -3.03 -21.01 -18.02
C ARG A 331 -4.41 -21.59 -18.23
N PRO A 332 -4.67 -22.17 -19.42
CA PRO A 332 -5.92 -22.91 -19.60
C PRO A 332 -6.10 -23.96 -18.49
N GLY A 333 -7.29 -24.03 -17.91
CA GLY A 333 -7.56 -24.96 -16.81
C GLY A 333 -7.13 -24.44 -15.44
N GLY A 334 -6.44 -23.30 -15.43
CA GLY A 334 -6.04 -22.63 -14.19
C GLY A 334 -7.26 -22.12 -13.43
N VAL A 335 -7.08 -21.88 -12.13
CA VAL A 335 -8.22 -21.49 -11.30
C VAL A 335 -7.92 -20.24 -10.48
N PHE A 336 -8.99 -19.51 -10.16
CA PHE A 336 -8.94 -18.22 -9.47
C PHE A 336 -9.83 -18.28 -8.24
N PHE A 337 -9.28 -17.86 -7.10
CA PHE A 337 -10.07 -17.70 -5.86
C PHE A 337 -10.00 -16.23 -5.43
N LEU A 338 -11.16 -15.66 -5.14
CA LEU A 338 -11.26 -14.28 -4.67
C LEU A 338 -12.20 -14.21 -3.48
N VAL A 339 -11.81 -13.44 -2.46
CA VAL A 339 -12.67 -13.27 -1.28
C VAL A 339 -12.99 -11.80 -1.06
N SER A 340 -14.26 -11.51 -0.73
CA SER A 340 -14.66 -10.14 -0.45
C SER A 340 -15.85 -10.04 0.49
N ASN A 341 -16.11 -8.81 0.89
CA ASN A 341 -17.35 -8.48 1.58
C ASN A 341 -18.55 -8.88 0.71
N PRO A 342 -19.62 -9.39 1.35
CA PRO A 342 -20.67 -10.03 0.56
C PRO A 342 -21.38 -9.19 -0.48
N PHE A 343 -21.37 -7.86 -0.34
CA PHE A 343 -22.15 -7.03 -1.24
C PHE A 343 -21.32 -6.23 -2.25
N LEU A 344 -20.07 -6.63 -2.43
CA LEU A 344 -19.24 -6.06 -3.50
C LEU A 344 -19.53 -6.84 -4.78
N LYS A 345 -19.80 -6.09 -5.85
CA LYS A 345 -20.38 -6.66 -7.07
C LYS A 345 -19.35 -7.35 -7.98
N TYR A 346 -18.68 -8.36 -7.45
CA TYR A 346 -17.64 -9.07 -8.22
C TYR A 346 -18.20 -10.04 -9.25
N GLU A 347 -19.44 -10.50 -9.03
CA GLU A 347 -20.02 -11.54 -9.87
C GLU A 347 -20.05 -11.15 -11.35
N PRO A 348 -20.61 -9.97 -11.69
CA PRO A 348 -20.57 -9.57 -13.10
C PRO A 348 -19.15 -9.45 -13.67
N LEU A 349 -18.17 -9.07 -12.85
CA LEU A 349 -16.78 -8.96 -13.34
C LEU A 349 -16.19 -10.32 -13.68
N LEU A 350 -16.45 -11.31 -12.84
CA LEU A 350 -15.96 -12.66 -13.09
C LEU A 350 -16.66 -13.29 -14.29
N GLU A 351 -17.96 -13.04 -14.42
CA GLU A 351 -18.73 -13.53 -15.57
C GLU A 351 -18.15 -12.96 -16.87
N GLU A 352 -17.73 -11.69 -16.83
CA GLU A 352 -17.18 -11.01 -18.00
C GLU A 352 -15.81 -11.59 -18.39
N LYS A 353 -14.94 -11.76 -17.41
CA LYS A 353 -13.55 -12.15 -17.68
C LYS A 353 -13.31 -13.64 -17.81
N PHE A 354 -14.18 -14.45 -17.21
CA PHE A 354 -13.99 -15.91 -17.20
C PHE A 354 -15.08 -16.68 -17.94
N GLY A 355 -16.26 -16.09 -18.05
CA GLY A 355 -17.40 -16.74 -18.70
C GLY A 355 -18.41 -17.30 -17.71
N ALA A 356 -17.92 -17.69 -16.53
CA ALA A 356 -18.74 -18.30 -15.48
C ALA A 356 -18.01 -18.15 -14.16
N PHE A 357 -18.71 -18.45 -13.06
CA PHE A 357 -18.09 -18.44 -11.74
C PHE A 357 -18.91 -19.26 -10.78
N GLN A 358 -18.30 -19.59 -9.64
CA GLN A 358 -19.01 -20.26 -8.56
C GLN A 358 -18.84 -19.52 -7.23
N THR A 359 -19.80 -19.72 -6.34
CA THR A 359 -19.74 -19.17 -5.00
C THR A 359 -19.47 -20.30 -4.01
N LEU A 360 -18.23 -20.38 -3.54
CA LEU A 360 -17.81 -21.50 -2.70
C LEU A 360 -18.20 -21.31 -1.24
N LYS A 361 -18.27 -20.05 -0.80
CA LYS A 361 -18.63 -19.71 0.57
C LYS A 361 -19.41 -18.42 0.52
N VAL A 362 -20.42 -18.31 1.39
CA VAL A 362 -20.99 -17.00 1.70
C VAL A 362 -21.60 -16.92 3.09
N ALA A 363 -20.90 -16.18 3.95
CA ALA A 363 -21.44 -15.80 5.25
C ALA A 363 -20.93 -14.40 5.58
N GLU A 364 -19.94 -14.31 6.47
N GLU A 364 -19.95 -14.31 6.49
CA GLU A 364 -19.37 -13.02 6.81
CA GLU A 364 -19.34 -13.03 6.83
C GLU A 364 -18.67 -12.42 5.59
C GLU A 364 -18.70 -12.43 5.58
N TYR A 365 -18.12 -13.29 4.75
CA TYR A 365 -17.49 -12.90 3.47
C TYR A 365 -17.93 -13.91 2.42
N LYS A 366 -17.74 -13.58 1.15
CA LYS A 366 -17.95 -14.54 0.08
C LYS A 366 -16.65 -14.90 -0.61
N VAL A 367 -16.50 -16.19 -0.88
CA VAL A 367 -15.41 -16.70 -1.72
C VAL A 367 -15.95 -17.08 -3.07
N LEU A 368 -15.43 -16.42 -4.09
CA LEU A 368 -15.81 -16.69 -5.47
C LEU A 368 -14.69 -17.45 -6.17
N PHE A 369 -15.07 -18.26 -7.15
CA PHE A 369 -14.17 -19.15 -7.83
C PHE A 369 -14.41 -19.05 -9.33
N ALA A 370 -13.34 -19.04 -10.11
CA ALA A 370 -13.50 -19.16 -11.56
C ALA A 370 -12.42 -20.03 -12.15
N GLU A 371 -12.72 -20.62 -13.32
CA GLU A 371 -11.77 -21.48 -14.02
C GLU A 371 -11.48 -20.92 -15.40
N LYS A 372 -10.21 -20.88 -15.77
CA LYS A 372 -9.81 -20.45 -17.10
C LYS A 372 -10.18 -21.54 -18.11
N ARG A 373 -10.80 -21.10 -19.21
CA ARG A 373 -11.24 -22.00 -20.26
C ARG A 373 -10.13 -22.19 -21.30
S SO4 B . -3.01 7.20 3.45
O1 SO4 B . -2.58 6.09 4.27
O2 SO4 B . -3.86 8.05 4.28
O3 SO4 B . -3.80 6.75 2.29
O4 SO4 B . -1.87 8.00 2.94
S SO4 C . -7.86 -6.45 -21.21
O1 SO4 C . -6.71 -5.59 -21.01
O2 SO4 C . -7.57 -7.80 -20.73
O3 SO4 C . -9.00 -5.94 -20.46
O4 SO4 C . -8.19 -6.47 -22.64
S SO4 D . 12.35 -2.52 15.71
O1 SO4 D . 11.92 -1.25 15.15
O2 SO4 D . 13.04 -2.27 16.98
O3 SO4 D . 11.19 -3.37 15.99
O4 SO4 D . 13.24 -3.20 14.78
S SO4 E . -6.10 -28.84 13.63
O1 SO4 E . -5.97 -27.46 14.09
O2 SO4 E . -4.88 -29.60 13.93
O3 SO4 E . -7.23 -29.45 14.34
O4 SO4 E . -6.35 -28.88 12.20
S SO4 F . -9.41 31.61 6.09
O1 SO4 F . -10.20 32.06 4.96
O2 SO4 F . -8.12 32.29 6.05
O3 SO4 F . -10.13 31.91 7.32
O4 SO4 F . -9.21 30.16 5.99
S SO4 G . 2.93 -21.34 -20.12
O1 SO4 G . 1.49 -21.63 -20.05
O2 SO4 G . 3.41 -20.88 -18.82
O3 SO4 G . 3.65 -22.54 -20.51
O4 SO4 G . 3.14 -20.28 -21.11
N SAH H . -3.29 -10.99 0.96
CA SAH H . -3.20 -10.30 2.30
CB SAH H . -3.55 -8.81 2.21
CG SAH H . -4.90 -8.50 1.58
SD SAH H . -5.39 -6.75 1.72
C SAH H . -4.14 -10.95 3.29
O SAH H . -5.01 -11.70 2.81
OXT SAH H . -4.02 -10.70 4.49
C5' SAH H . -5.09 -6.17 0.02
C4' SAH H . -3.61 -5.95 -0.29
O4' SAH H . -3.59 -5.43 -1.62
C3' SAH H . -2.86 -4.98 0.65
O3' SAH H . -1.72 -5.61 1.21
C2' SAH H . -2.54 -3.83 -0.31
O2' SAH H . -1.39 -3.10 0.04
C1' SAH H . -2.48 -4.57 -1.64
N9 SAH H . -2.53 -3.66 -2.77
C8 SAH H . -3.20 -2.47 -2.86
N7 SAH H . -2.97 -1.96 -4.09
C5 SAH H . -2.17 -2.82 -4.78
C6 SAH H . -1.60 -2.77 -6.05
N6 SAH H . -1.78 -1.73 -6.89
N1 SAH H . -0.82 -3.86 -6.42
C2 SAH H . -0.57 -4.92 -5.58
N3 SAH H . -1.09 -4.94 -4.30
C4 SAH H . -1.89 -3.90 -3.94
#